data_2YP7
#
_entry.id   2YP7
#
_cell.length_a   100.890
_cell.length_b   100.890
_cell.length_c   386.260
_cell.angle_alpha   90.00
_cell.angle_beta   90.00
_cell.angle_gamma   120.00
#
_symmetry.space_group_name_H-M   'H 3 2'
#
loop_
_entity.id
_entity.type
_entity.pdbx_description
1 polymer HEMAGGLUTININ
2 branched alpha-D-mannopyranose-(1-4)-2-acetamido-2-deoxy-beta-D-glucopyranose-(1-4)-2-acetamido-2-deoxy-beta-D-glucopyranose
3 branched 2-acetamido-2-deoxy-beta-D-glucopyranose-(1-4)-2-acetamido-2-deoxy-beta-D-glucopyranose
4 non-polymer 2-acetamido-2-deoxy-beta-D-glucopyranose
5 non-polymer '4-(2-HYDROXYETHYL)-1-PIPERAZINE ETHANESULFONIC ACID'
6 non-polymer TRIS(HYDROXYETHYL)AMINOMETHANE
7 water water
#
_entity_poly.entity_id   1
_entity_poly.type   'polypeptide(L)'
_entity_poly.pdbx_seq_one_letter_code
;QKLPGNDNSTATLCLGHHAVPNGTIVKTITNDQIEVTNATELVQSSSTGGICDSPHQILDGENCTLIDALLGDPQCDGFQ
NKKWDLFVERSKAYSNCYPYDVPDYASLRSLVASSGTLEFNNESFNWTGVTQNGTSSACKRKSNNSFFSRLNWLTHLKFK
YPALNVTMPNNEKFDKLYIWGVHHPGTDNDQIFLYAQASGRITVSTKRSQQTVIPNIGSRPRVRNIPSRISIYWTIVKPG
DILLINSTGNLIAPRGYFKIRSGKSSIMRSDAPIGKCNSECITPNGSIPNDKPFQNVNRITYGACPRYVKQNTLKLATGM
RNVPEKQTQGIFGAIAGFIENGWEGMVDGWYGFRHQNSEGIGQAADLKSTQAAINQINGKLNRLIGKTNEKFHQIEKEFS
EVEGRIQDLEKYVEDTKIDLWSYNAELLVALENQHTIDLTDSEMNKLFERTKKQLRENAEDMGNGCFKIYHKCDNACIGS
IRNGTYDHDVYRDEALNNRFQIK
;
_entity_poly.pdbx_strand_id   A
#
# COMPACT_ATOMS: atom_id res chain seq x y z
N ASN A 8 31.93 -54.99 20.06
CA ASN A 8 32.63 -53.70 20.33
C ASN A 8 33.85 -53.53 19.40
N SER A 9 34.77 -52.63 19.74
CA SER A 9 35.93 -52.28 18.91
C SER A 9 35.55 -51.42 17.71
N THR A 10 34.28 -51.05 17.60
CA THR A 10 33.80 -50.09 16.59
C THR A 10 32.86 -49.09 17.24
N ALA A 11 32.55 -48.03 16.52
CA ALA A 11 31.59 -47.07 16.99
C ALA A 11 30.73 -46.70 15.79
N THR A 12 29.60 -46.06 16.05
CA THR A 12 28.74 -45.50 14.99
C THR A 12 28.59 -44.00 15.17
N LEU A 13 28.67 -43.26 14.08
CA LEU A 13 28.44 -41.82 14.11
C LEU A 13 27.45 -41.42 13.03
N CYS A 14 26.29 -40.93 13.43
CA CYS A 14 25.23 -40.53 12.48
C CYS A 14 25.14 -39.03 12.39
N LEU A 15 24.91 -38.54 11.17
CA LEU A 15 24.62 -37.15 10.94
C LEU A 15 23.13 -37.00 10.72
N GLY A 16 22.56 -35.92 11.24
CA GLY A 16 21.11 -35.76 11.17
C GLY A 16 20.65 -34.35 11.23
N HIS A 17 19.34 -34.16 11.12
CA HIS A 17 18.77 -32.83 11.23
C HIS A 17 17.47 -32.90 11.96
N HIS A 18 17.04 -31.79 12.53
CA HIS A 18 15.82 -31.78 13.34
C HIS A 18 14.54 -31.99 12.54
N ALA A 19 13.46 -32.23 13.27
CA ALA A 19 12.12 -32.33 12.70
C ALA A 19 11.18 -31.90 13.84
N VAL A 20 10.00 -31.40 13.49
CA VAL A 20 9.07 -30.84 14.46
C VAL A 20 7.75 -31.57 14.31
N PRO A 21 6.96 -31.62 15.39
CA PRO A 21 5.67 -32.31 15.30
C PRO A 21 4.62 -31.52 14.50
N ASN A 22 4.73 -30.19 14.47
CA ASN A 22 3.72 -29.32 13.85
C ASN A 22 4.26 -28.53 12.61
N GLY A 23 4.53 -29.23 11.52
CA GLY A 23 5.13 -28.60 10.33
C GLY A 23 4.10 -27.83 9.54
N THR A 24 4.54 -27.04 8.55
CA THR A 24 3.61 -26.26 7.72
C THR A 24 3.85 -26.53 6.23
N ILE A 25 2.77 -26.50 5.46
CA ILE A 25 2.85 -26.81 4.03
C ILE A 25 3.19 -25.54 3.24
N VAL A 26 4.19 -25.65 2.37
CA VAL A 26 4.55 -24.57 1.45
C VAL A 26 4.64 -25.10 0.01
N LYS A 27 4.76 -24.16 -0.93
CA LYS A 27 4.86 -24.49 -2.34
C LYS A 27 6.26 -24.16 -2.84
N THR A 28 6.82 -25.05 -3.64
CA THR A 28 8.13 -24.80 -4.24
C THR A 28 7.97 -24.96 -5.72
N ILE A 29 9.07 -24.88 -6.44
CA ILE A 29 9.04 -25.15 -7.85
C ILE A 29 8.86 -26.66 -8.06
N THR A 30 9.56 -27.47 -7.25
CA THR A 30 9.50 -28.94 -7.31
C THR A 30 8.18 -29.56 -6.83
N ASN A 31 7.55 -28.95 -5.81
CA ASN A 31 6.38 -29.53 -5.14
C ASN A 31 5.27 -28.49 -4.92
N ASP A 32 4.04 -28.82 -5.30
CA ASP A 32 2.85 -28.03 -4.93
CA ASP A 32 2.88 -28.01 -4.94
C ASP A 32 2.71 -27.90 -3.41
N GLN A 33 3.00 -29.00 -2.71
CA GLN A 33 2.85 -29.08 -1.26
C GLN A 33 4.04 -29.80 -0.69
N ILE A 34 4.82 -29.13 0.14
CA ILE A 34 5.90 -29.76 0.86
C ILE A 34 5.89 -29.24 2.28
N GLU A 35 6.01 -30.16 3.25
CA GLU A 35 6.02 -29.74 4.63
C GLU A 35 7.44 -29.33 5.03
N VAL A 36 7.52 -28.16 5.62
CA VAL A 36 8.74 -27.62 6.22
C VAL A 36 8.52 -27.41 7.70
N THR A 37 9.61 -27.13 8.43
CA THR A 37 9.53 -27.00 9.88
C THR A 37 8.85 -25.71 10.32
N ASN A 38 8.88 -24.70 9.47
CA ASN A 38 8.33 -23.41 9.83
C ASN A 38 8.17 -22.58 8.58
N ALA A 39 7.23 -21.64 8.61
CA ALA A 39 7.03 -20.70 7.51
C ALA A 39 6.46 -19.41 8.05
N THR A 40 6.45 -18.38 7.22
CA THR A 40 5.90 -17.10 7.63
C THR A 40 5.00 -16.55 6.50
N GLU A 41 3.95 -15.84 6.87
CA GLU A 41 2.94 -15.35 5.90
C GLU A 41 3.43 -14.07 5.24
N LEU A 42 3.34 -14.00 3.91
CA LEU A 42 3.80 -12.81 3.17
C LEU A 42 2.65 -11.93 2.66
N VAL A 43 1.42 -12.36 2.84
CA VAL A 43 0.25 -11.58 2.45
C VAL A 43 -0.47 -11.09 3.70
N GLN A 44 -0.52 -9.79 3.83
CA GLN A 44 -1.35 -9.16 4.87
C GLN A 44 -2.83 -9.22 4.51
N SER A 45 -3.64 -9.86 5.33
CA SER A 45 -5.05 -10.05 4.99
C SER A 45 -6.06 -9.41 5.97
N SER A 46 -5.58 -8.78 7.03
CA SER A 46 -6.50 -8.12 7.96
C SER A 46 -6.11 -6.68 8.16
N SER A 47 -7.10 -5.87 8.52
CA SER A 47 -6.89 -4.52 9.04
C SER A 47 -7.57 -4.42 10.39
N THR A 48 -7.05 -3.54 11.24
CA THR A 48 -7.70 -3.10 12.49
C THR A 48 -9.09 -2.53 12.26
N GLY A 49 -9.30 -1.92 11.10
CA GLY A 49 -10.58 -1.36 10.77
C GLY A 49 -10.64 0.13 11.04
N GLY A 50 -9.61 0.70 11.70
CA GLY A 50 -9.49 2.15 11.86
C GLY A 50 -8.35 2.73 11.05
N ILE A 51 -8.53 3.97 10.55
CA ILE A 51 -7.45 4.71 9.92
C ILE A 51 -6.70 5.46 11.04
N CYS A 52 -5.42 5.13 11.24
CA CYS A 52 -4.60 5.81 12.25
C CYS A 52 -4.29 7.25 11.84
N ASP A 53 -4.44 8.17 12.80
CA ASP A 53 -4.25 9.60 12.55
C ASP A 53 -2.78 10.03 12.47
N SER A 54 -1.87 9.10 12.70
CA SER A 54 -0.43 9.30 12.58
C SER A 54 0.19 8.20 11.70
N PRO A 55 1.31 8.51 11.00
CA PRO A 55 2.06 9.75 10.90
C PRO A 55 1.64 10.71 9.75
N HIS A 56 0.62 10.34 8.98
CA HIS A 56 0.11 11.18 7.92
C HIS A 56 -0.91 12.12 8.45
N GLN A 57 -0.97 13.32 7.87
CA GLN A 57 -1.96 14.30 8.24
C GLN A 57 -3.28 13.97 7.59
N ILE A 58 -4.22 13.57 8.42
CA ILE A 58 -5.51 13.13 7.96
C ILE A 58 -6.50 14.27 8.10
N LEU A 59 -7.35 14.46 7.09
CA LEU A 59 -8.47 15.39 7.20
C LEU A 59 -9.75 14.62 6.93
N ASP A 60 -10.54 14.43 7.99
CA ASP A 60 -11.83 13.74 7.89
C ASP A 60 -12.89 14.69 7.37
N GLY A 61 -13.39 14.44 6.17
CA GLY A 61 -14.40 15.30 5.55
C GLY A 61 -15.74 15.32 6.28
N GLU A 62 -16.00 14.32 7.09
CA GLU A 62 -17.28 14.20 7.83
C GLU A 62 -18.45 14.31 6.85
N ASN A 63 -19.30 15.34 6.97
CA ASN A 63 -20.43 15.51 6.05
C ASN A 63 -20.11 16.22 4.72
N CYS A 64 -18.85 16.59 4.50
CA CYS A 64 -18.44 17.37 3.35
C CYS A 64 -17.56 16.58 2.40
N THR A 65 -17.83 16.72 1.10
CA THR A 65 -16.86 16.35 0.10
C THR A 65 -15.79 17.41 0.03
N LEU A 66 -14.68 17.07 -0.60
CA LEU A 66 -13.60 18.04 -0.82
C LEU A 66 -14.14 19.24 -1.61
N ILE A 67 -14.94 18.95 -2.64
CA ILE A 67 -15.45 20.03 -3.52
C ILE A 67 -16.39 20.93 -2.71
N ASP A 68 -17.21 20.37 -1.81
CA ASP A 68 -18.06 21.21 -0.95
C ASP A 68 -17.21 22.10 -0.03
N ALA A 69 -16.14 21.52 0.52
CA ALA A 69 -15.21 22.26 1.35
C ALA A 69 -14.49 23.37 0.57
N LEU A 70 -14.18 23.08 -0.70
CA LEU A 70 -13.55 24.07 -1.60
C LEU A 70 -14.47 25.28 -1.84
N LEU A 71 -15.68 25.01 -2.30
CA LEU A 71 -16.64 26.07 -2.63
C LEU A 71 -17.03 26.87 -1.38
N GLY A 72 -17.08 26.20 -0.24
CA GLY A 72 -17.41 26.87 1.03
C GLY A 72 -18.87 26.72 1.43
N ASP A 73 -19.42 25.52 1.26
CA ASP A 73 -20.73 25.13 1.83
C ASP A 73 -20.68 25.45 3.35
N PRO A 74 -21.72 26.10 3.91
CA PRO A 74 -21.67 26.51 5.33
C PRO A 74 -21.28 25.41 6.34
N GLN A 75 -21.77 24.20 6.14
CA GLN A 75 -21.40 23.10 7.04
C GLN A 75 -19.91 22.76 6.96
N CYS A 76 -19.21 23.27 5.95
CA CYS A 76 -17.77 23.01 5.78
C CYS A 76 -16.90 24.20 6.18
N ASP A 77 -17.45 25.19 6.88
CA ASP A 77 -16.68 26.38 7.24
C ASP A 77 -15.44 26.08 8.10
N GLY A 78 -15.53 25.01 8.88
CA GLY A 78 -14.43 24.55 9.71
C GLY A 78 -13.19 24.10 8.93
N PHE A 79 -13.36 23.83 7.63
CA PHE A 79 -12.26 23.34 6.81
C PHE A 79 -11.41 24.43 6.17
N GLN A 80 -11.79 25.70 6.34
CA GLN A 80 -11.11 26.78 5.64
C GLN A 80 -9.61 26.72 5.88
N ASN A 81 -8.86 26.80 4.78
CA ASN A 81 -7.41 26.91 4.78
C ASN A 81 -6.64 25.69 5.29
N LYS A 82 -7.33 24.59 5.53
CA LYS A 82 -6.64 23.38 6.05
C LYS A 82 -5.87 22.66 4.98
N LYS A 83 -4.86 21.90 5.41
CA LYS A 83 -4.03 21.08 4.58
C LYS A 83 -4.18 19.61 5.02
N TRP A 84 -3.76 18.72 4.13
CA TRP A 84 -3.79 17.29 4.42
C TRP A 84 -2.75 16.58 3.62
N ASP A 85 -2.38 15.42 4.13
CA ASP A 85 -1.76 14.39 3.32
C ASP A 85 -2.87 13.55 2.70
N LEU A 86 -3.86 13.16 3.52
CA LEU A 86 -4.98 12.35 3.05
C LEU A 86 -6.31 12.93 3.49
N PHE A 87 -7.11 13.30 2.50
CA PHE A 87 -8.48 13.78 2.71
C PHE A 87 -9.36 12.55 2.65
N VAL A 88 -10.15 12.33 3.69
CA VAL A 88 -11.02 11.16 3.74
C VAL A 88 -12.48 11.58 3.53
N GLU A 89 -13.07 11.11 2.45
CA GLU A 89 -14.47 11.42 2.12
C GLU A 89 -15.36 10.27 2.53
N ARG A 90 -16.45 10.64 3.21
CA ARG A 90 -17.39 9.69 3.80
C ARG A 90 -18.59 9.46 2.90
N SER A 91 -19.14 8.26 2.90
CA SER A 91 -20.30 7.97 2.07
C SER A 91 -21.54 8.75 2.52
N LYS A 92 -21.59 9.17 3.78
CA LYS A 92 -22.72 9.97 4.29
C LYS A 92 -22.68 11.44 3.85
N ALA A 93 -21.59 11.88 3.22
CA ALA A 93 -21.41 13.29 2.91
C ALA A 93 -22.56 13.77 2.01
N TYR A 94 -23.01 15.00 2.21
CA TYR A 94 -24.11 15.55 1.39
C TYR A 94 -23.94 17.05 1.26
N SER A 95 -24.41 17.61 0.16
CA SER A 95 -24.32 19.08 -0.03
C SER A 95 -25.53 19.77 0.58
N ASN A 96 -25.33 20.97 1.10
CA ASN A 96 -26.44 21.68 1.75
C ASN A 96 -26.45 23.18 1.42
N CYS A 97 -26.21 23.49 0.14
CA CYS A 97 -26.17 24.86 -0.33
C CYS A 97 -26.87 24.87 -1.68
N TYR A 98 -26.54 25.82 -2.54
CA TYR A 98 -27.21 25.90 -3.84
C TYR A 98 -26.82 24.69 -4.70
N PRO A 99 -27.81 24.07 -5.36
CA PRO A 99 -27.45 22.93 -6.20
C PRO A 99 -26.47 23.29 -7.33
N TYR A 100 -25.44 22.47 -7.50
CA TYR A 100 -24.42 22.73 -8.52
C TYR A 100 -23.98 21.45 -9.21
N ASP A 101 -23.36 21.59 -10.37
CA ASP A 101 -22.57 20.53 -10.98
C ASP A 101 -21.19 21.08 -11.37
N VAL A 102 -20.27 20.17 -11.62
CA VAL A 102 -18.94 20.52 -12.07
C VAL A 102 -18.66 19.71 -13.32
N PRO A 103 -18.68 20.36 -14.50
CA PRO A 103 -18.20 19.58 -15.63
C PRO A 103 -16.77 19.08 -15.30
N ASP A 104 -16.48 17.81 -15.52
CA ASP A 104 -15.16 17.23 -15.09
C ASP A 104 -14.89 17.41 -13.58
N TYR A 105 -15.92 17.13 -12.81
CA TYR A 105 -15.82 17.00 -11.37
C TYR A 105 -14.61 16.16 -10.92
N ALA A 106 -14.43 14.99 -11.54
CA ALA A 106 -13.35 14.08 -11.15
C ALA A 106 -12.00 14.75 -11.27
N SER A 107 -11.80 15.55 -12.32
CA SER A 107 -10.51 16.24 -12.44
C SER A 107 -10.28 17.33 -11.41
N LEU A 108 -11.30 18.10 -11.10
CA LEU A 108 -11.15 19.19 -10.15
C LEU A 108 -10.90 18.58 -8.76
N ARG A 109 -11.68 17.55 -8.43
CA ARG A 109 -11.46 16.79 -7.20
C ARG A 109 -10.03 16.27 -7.09
N SER A 110 -9.53 15.67 -8.16
CA SER A 110 -8.17 15.12 -8.19
C SER A 110 -7.08 16.17 -8.03
N LEU A 111 -7.18 17.28 -8.75
CA LEU A 111 -6.11 18.29 -8.70
C LEU A 111 -6.07 19.00 -7.36
N VAL A 112 -7.22 19.25 -6.73
CA VAL A 112 -7.27 19.83 -5.36
C VAL A 112 -6.74 18.81 -4.33
N ALA A 113 -7.13 17.55 -4.49
CA ALA A 113 -6.68 16.49 -3.59
C ALA A 113 -5.19 16.35 -3.60
N SER A 114 -4.61 16.37 -4.81
CA SER A 114 -3.20 16.20 -5.00
C SER A 114 -2.40 17.41 -4.48
N SER A 115 -2.98 18.60 -4.63
CA SER A 115 -2.38 19.82 -4.12
C SER A 115 -2.31 19.83 -2.59
N GLY A 116 -3.34 19.32 -1.94
CA GLY A 116 -3.26 19.06 -0.49
C GLY A 116 -3.50 20.26 0.40
N THR A 117 -4.18 21.27 -0.13
CA THR A 117 -4.41 22.51 0.62
C THR A 117 -5.64 23.23 0.17
N LEU A 118 -6.33 23.82 1.14
CA LEU A 118 -7.47 24.69 0.87
C LEU A 118 -7.11 26.15 1.15
N GLU A 119 -5.82 26.47 1.22
CA GLU A 119 -5.40 27.86 1.47
C GLU A 119 -5.96 28.79 0.40
N PHE A 120 -6.62 29.86 0.85
CA PHE A 120 -7.36 30.75 -0.02
C PHE A 120 -6.95 32.19 0.34
N ASN A 121 -6.64 32.98 -0.68
CA ASN A 121 -6.25 34.38 -0.51
C ASN A 121 -7.31 35.25 -1.15
N ASN A 122 -7.94 36.09 -0.33
CA ASN A 122 -8.97 37.00 -0.82
C ASN A 122 -8.35 38.06 -1.73
N GLU A 123 -9.07 38.44 -2.78
CA GLU A 123 -8.67 39.56 -3.63
C GLU A 123 -9.82 40.53 -3.85
N SER A 124 -9.45 41.79 -4.08
CA SER A 124 -10.41 42.87 -4.26
C SER A 124 -10.68 43.05 -5.75
N PHE A 125 -11.70 42.36 -6.24
CA PHE A 125 -12.11 42.49 -7.61
C PHE A 125 -12.90 43.77 -7.71
N ASN A 126 -12.80 44.44 -8.85
CA ASN A 126 -13.57 45.68 -9.05
C ASN A 126 -14.93 45.36 -9.64
N TRP A 127 -15.93 45.15 -8.78
CA TRP A 127 -17.30 44.92 -9.24
C TRP A 127 -18.14 46.17 -9.22
N THR A 128 -17.56 47.27 -9.72
CA THR A 128 -18.34 48.52 -9.86
C THR A 128 -19.55 48.29 -10.76
N GLY A 129 -20.74 48.57 -10.24
CA GLY A 129 -21.96 48.65 -11.06
C GLY A 129 -22.97 47.53 -10.85
N VAL A 130 -22.62 46.57 -9.99
CA VAL A 130 -23.51 45.47 -9.64
C VAL A 130 -23.62 45.35 -8.12
N THR A 131 -24.63 44.60 -7.67
CA THR A 131 -24.79 44.24 -6.27
C THR A 131 -23.99 42.94 -6.01
N GLN A 132 -23.19 42.94 -4.96
CA GLN A 132 -22.40 41.76 -4.55
C GLN A 132 -23.13 40.97 -3.47
N ASN A 133 -22.59 39.79 -3.16
CA ASN A 133 -23.01 39.00 -2.00
C ASN A 133 -24.45 38.51 -2.02
N GLY A 134 -24.94 38.08 -3.18
CA GLY A 134 -26.27 37.48 -3.25
C GLY A 134 -26.37 36.26 -2.34
N THR A 135 -27.57 36.02 -1.81
CA THR A 135 -27.82 34.91 -0.91
C THR A 135 -29.06 34.09 -1.33
N SER A 136 -29.19 32.92 -0.71
CA SER A 136 -30.28 31.99 -1.00
C SER A 136 -30.74 31.31 0.29
N SER A 137 -32.04 31.03 0.38
CA SER A 137 -32.60 30.30 1.52
C SER A 137 -32.20 28.82 1.45
N ALA A 138 -31.72 28.39 0.29
CA ALA A 138 -31.19 27.02 0.09
C ALA A 138 -29.77 26.85 0.66
N CYS A 139 -29.15 27.94 1.10
CA CYS A 139 -27.80 27.87 1.63
C CYS A 139 -27.73 28.70 2.88
N LYS A 140 -28.27 28.19 3.97
CA LYS A 140 -28.31 28.91 5.23
C LYS A 140 -27.00 28.77 6.02
N ARG A 141 -26.53 29.90 6.55
CA ARG A 141 -25.36 29.94 7.43
C ARG A 141 -25.78 30.65 8.72
N LYS A 142 -25.65 29.97 9.85
CA LYS A 142 -26.09 30.49 11.15
C LYS A 142 -27.54 31.01 11.08
N SER A 143 -28.41 30.21 10.46
CA SER A 143 -29.85 30.50 10.34
C SER A 143 -30.24 31.57 9.31
N ASN A 144 -29.25 32.30 8.78
CA ASN A 144 -29.51 33.33 7.77
C ASN A 144 -29.28 32.80 6.36
N ASN A 145 -30.00 33.39 5.40
CA ASN A 145 -29.74 33.15 3.99
C ASN A 145 -28.30 33.52 3.67
N SER A 146 -27.61 32.67 2.91
CA SER A 146 -26.20 32.86 2.63
C SER A 146 -25.82 32.21 1.31
N PHE A 147 -24.54 31.94 1.12
CA PHE A 147 -24.02 31.38 -0.12
C PHE A 147 -22.65 30.76 0.15
N PHE A 148 -22.16 30.03 -0.83
CA PHE A 148 -20.80 29.53 -0.79
C PHE A 148 -19.83 30.63 -0.36
N SER A 149 -19.02 30.35 0.66
CA SER A 149 -18.12 31.35 1.22
C SER A 149 -17.13 31.90 0.20
N ARG A 150 -16.70 31.08 -0.75
CA ARG A 150 -15.62 31.49 -1.65
C ARG A 150 -16.12 32.08 -2.97
N LEU A 151 -17.45 32.17 -3.12
CA LEU A 151 -18.07 32.67 -4.32
C LEU A 151 -18.96 33.89 -4.01
N ASN A 152 -19.13 34.69 -5.04
CA ASN A 152 -19.77 36.03 -4.92
C ASN A 152 -20.85 36.12 -6.00
N TRP A 153 -22.10 35.94 -5.59
CA TRP A 153 -23.25 36.05 -6.47
C TRP A 153 -23.54 37.51 -6.76
N LEU A 154 -23.15 37.96 -7.96
CA LEU A 154 -23.41 39.34 -8.41
C LEU A 154 -24.80 39.44 -9.04
N THR A 155 -25.52 40.51 -8.73
CA THR A 155 -26.85 40.74 -9.32
C THR A 155 -26.92 42.21 -9.75
N HIS A 156 -28.04 42.61 -10.36
CA HIS A 156 -28.16 43.98 -10.89
C HIS A 156 -28.10 45.01 -9.79
N LEU A 157 -27.72 46.23 -10.16
CA LEU A 157 -27.74 47.39 -9.25
C LEU A 157 -28.70 48.43 -9.84
N LYS A 158 -29.78 48.73 -9.13
CA LYS A 158 -30.81 49.68 -9.59
C LYS A 158 -31.41 49.25 -10.94
N PHE A 159 -31.56 47.94 -11.13
CA PHE A 159 -32.08 47.35 -12.38
C PHE A 159 -31.18 47.55 -13.61
N LYS A 160 -29.90 47.81 -13.36
CA LYS A 160 -28.86 47.78 -14.39
C LYS A 160 -27.81 46.71 -14.04
N TYR A 161 -27.29 46.05 -15.06
CA TYR A 161 -26.13 45.17 -14.92
C TYR A 161 -25.19 45.54 -16.07
N PRO A 162 -24.26 46.47 -15.82
CA PRO A 162 -23.29 46.89 -16.84
C PRO A 162 -22.42 45.72 -17.26
N ALA A 163 -21.98 45.73 -18.52
CA ALA A 163 -21.09 44.70 -19.03
C ALA A 163 -19.80 44.73 -18.22
N LEU A 164 -19.46 43.59 -17.60
CA LEU A 164 -18.27 43.50 -16.77
C LEU A 164 -17.08 43.12 -17.63
N ASN A 165 -15.94 43.73 -17.32
CA ASN A 165 -14.71 43.44 -18.01
C ASN A 165 -13.59 43.64 -16.99
N VAL A 166 -13.40 42.63 -16.15
CA VAL A 166 -12.62 42.76 -14.93
C VAL A 166 -11.34 41.94 -14.99
N THR A 167 -10.26 42.58 -14.53
CA THR A 167 -8.93 42.01 -14.60
C THR A 167 -8.34 41.67 -13.19
N MET A 168 -7.54 40.62 -13.12
CA MET A 168 -6.74 40.36 -11.92
C MET A 168 -5.39 39.78 -12.31
N PRO A 169 -4.32 40.62 -12.26
CA PRO A 169 -2.99 40.11 -12.60
C PRO A 169 -2.42 39.17 -11.52
N ASN A 170 -1.63 38.19 -11.95
CA ASN A 170 -0.83 37.39 -11.04
C ASN A 170 0.59 37.97 -11.03
N ASN A 171 0.89 38.75 -10.00
CA ASN A 171 2.21 39.32 -9.79
C ASN A 171 2.97 38.56 -8.71
N GLU A 172 2.53 37.33 -8.42
CA GLU A 172 3.14 36.48 -7.41
C GLU A 172 4.12 35.54 -8.11
N LYS A 173 4.88 34.80 -7.31
CA LYS A 173 5.86 33.86 -7.79
C LYS A 173 5.26 32.46 -7.96
N PHE A 174 4.01 32.27 -7.50
CA PHE A 174 3.32 30.96 -7.52
C PHE A 174 2.02 31.02 -8.37
N ASP A 175 1.49 29.86 -8.72
CA ASP A 175 0.27 29.77 -9.51
C ASP A 175 -0.97 30.04 -8.67
N LYS A 176 -2.02 30.54 -9.32
CA LYS A 176 -3.29 30.79 -8.67
C LYS A 176 -4.38 29.91 -9.27
N LEU A 177 -5.16 29.27 -8.41
CA LEU A 177 -6.33 28.48 -8.85
C LEU A 177 -7.59 29.28 -8.54
N TYR A 178 -8.33 29.62 -9.58
CA TYR A 178 -9.58 30.36 -9.47
C TYR A 178 -10.76 29.43 -9.73
N ILE A 179 -11.74 29.49 -8.84
CA ILE A 179 -12.98 28.71 -8.96
C ILE A 179 -14.12 29.71 -9.14
N TRP A 180 -14.93 29.50 -10.17
CA TRP A 180 -16.01 30.43 -10.50
C TRP A 180 -17.14 29.66 -11.05
N GLY A 181 -18.25 30.33 -11.35
CA GLY A 181 -19.45 29.60 -11.72
C GLY A 181 -20.36 30.36 -12.64
N VAL A 182 -21.30 29.63 -13.23
CA VAL A 182 -22.34 30.21 -14.03
C VAL A 182 -23.69 29.78 -13.47
N HIS A 183 -24.56 30.76 -13.27
CA HIS A 183 -25.90 30.49 -12.75
C HIS A 183 -26.86 30.26 -13.89
N HIS A 184 -27.57 29.13 -13.82
CA HIS A 184 -28.62 28.79 -14.78
C HIS A 184 -29.97 28.96 -14.10
N PRO A 185 -30.64 30.12 -14.30
CA PRO A 185 -31.93 30.32 -13.62
C PRO A 185 -33.04 29.38 -14.12
N GLY A 186 -33.96 29.02 -13.23
CA GLY A 186 -35.06 28.11 -13.57
C GLY A 186 -36.04 28.69 -14.61
N THR A 187 -36.22 30.00 -14.59
CA THR A 187 -37.16 30.71 -15.49
C THR A 187 -36.67 32.09 -15.99
N ASP A 188 -37.32 32.61 -17.03
CA ASP A 188 -37.00 33.94 -17.57
C ASP A 188 -37.31 35.05 -16.55
N ASN A 189 -38.35 34.84 -15.73
CA ASN A 189 -38.65 35.74 -14.61
C ASN A 189 -37.48 35.90 -13.64
N ASP A 190 -36.83 34.79 -13.31
CA ASP A 190 -35.69 34.80 -12.40
C ASP A 190 -34.51 35.51 -13.03
N GLN A 191 -34.30 35.27 -14.32
CA GLN A 191 -33.21 35.90 -15.08
C GLN A 191 -33.31 37.41 -14.99
N ILE A 192 -34.51 37.94 -15.25
CA ILE A 192 -34.73 39.38 -15.22
C ILE A 192 -34.68 39.94 -13.80
N PHE A 193 -35.29 39.23 -12.86
CA PHE A 193 -35.26 39.64 -11.46
C PHE A 193 -33.82 39.77 -10.95
N LEU A 194 -32.94 38.85 -11.38
CA LEU A 194 -31.56 38.86 -10.88
C LEU A 194 -30.60 39.74 -11.68
N TYR A 195 -30.68 39.72 -13.01
CA TYR A 195 -29.68 40.38 -13.86
C TYR A 195 -30.22 41.54 -14.72
N ALA A 196 -31.54 41.73 -14.71
CA ALA A 196 -32.19 42.88 -15.35
C ALA A 196 -32.15 42.81 -16.88
N GLN A 197 -31.85 41.65 -17.43
CA GLN A 197 -31.70 41.51 -18.88
C GLN A 197 -31.54 40.04 -19.30
N ALA A 198 -31.68 39.79 -20.61
CA ALA A 198 -31.56 38.45 -21.19
C ALA A 198 -30.14 37.89 -21.00
N SER A 199 -30.05 36.57 -20.87
CA SER A 199 -28.77 35.93 -20.55
C SER A 199 -27.80 35.99 -21.73
N GLY A 200 -26.52 36.15 -21.43
CA GLY A 200 -25.47 36.16 -22.42
C GLY A 200 -24.25 35.41 -21.92
N ARG A 201 -23.38 35.02 -22.84
CA ARG A 201 -22.23 34.19 -22.50
C ARG A 201 -21.31 34.85 -21.48
N ILE A 202 -20.55 34.01 -20.79
CA ILE A 202 -19.49 34.45 -19.87
C ILE A 202 -18.17 33.97 -20.44
N THR A 203 -17.17 34.85 -20.51
CA THR A 203 -15.86 34.46 -21.00
C THR A 203 -14.81 34.81 -19.97
N VAL A 204 -14.03 33.79 -19.59
CA VAL A 204 -12.95 33.94 -18.62
C VAL A 204 -11.67 33.55 -19.32
N SER A 205 -10.70 34.46 -19.36
CA SER A 205 -9.52 34.25 -20.17
C SER A 205 -8.23 34.66 -19.50
N THR A 206 -7.14 34.13 -20.05
CA THR A 206 -5.78 34.50 -19.71
C THR A 206 -5.04 34.67 -21.04
N LYS A 207 -3.77 34.98 -20.97
CA LYS A 207 -2.92 34.98 -22.16
C LYS A 207 -2.83 33.60 -22.83
N ARG A 208 -3.00 32.52 -22.07
CA ARG A 208 -2.82 31.16 -22.59
CA ARG A 208 -2.83 31.18 -22.63
C ARG A 208 -4.11 30.36 -22.72
N SER A 209 -5.24 30.90 -22.27
CA SER A 209 -6.48 30.10 -22.22
C SER A 209 -7.74 30.93 -22.29
N GLN A 210 -8.83 30.30 -22.69
CA GLN A 210 -10.14 30.96 -22.73
C GLN A 210 -11.22 29.92 -22.54
N GLN A 211 -12.21 30.28 -21.73
CA GLN A 211 -13.36 29.42 -21.48
C GLN A 211 -14.60 30.27 -21.60
N THR A 212 -15.45 29.94 -22.56
CA THR A 212 -16.70 30.65 -22.74
C THR A 212 -17.84 29.69 -22.36
N VAL A 213 -18.76 30.17 -21.55
CA VAL A 213 -19.85 29.35 -21.04
C VAL A 213 -21.17 30.08 -21.23
N ILE A 214 -22.18 29.35 -21.71
CA ILE A 214 -23.50 29.92 -22.01
C ILE A 214 -24.48 29.56 -20.90
N PRO A 215 -25.00 30.56 -20.19
CA PRO A 215 -26.05 30.26 -19.22
C PRO A 215 -27.30 29.77 -19.95
N ASN A 216 -27.94 28.74 -19.43
CA ASN A 216 -29.12 28.13 -20.04
C ASN A 216 -30.29 28.13 -19.07
N ILE A 217 -31.27 28.99 -19.35
CA ILE A 217 -32.48 29.12 -18.54
C ILE A 217 -33.36 27.89 -18.70
N GLY A 218 -33.93 27.41 -17.59
CA GLY A 218 -34.88 26.31 -17.64
C GLY A 218 -35.01 25.61 -16.31
N SER A 219 -36.15 24.98 -16.08
CA SER A 219 -36.33 24.20 -14.87
C SER A 219 -35.58 22.88 -14.96
N ARG A 220 -34.82 22.57 -13.92
CA ARG A 220 -34.35 21.21 -13.68
C ARG A 220 -35.14 20.66 -12.50
N PRO A 221 -35.14 19.33 -12.31
CA PRO A 221 -35.84 18.79 -11.14
C PRO A 221 -35.35 19.46 -9.85
N ARG A 222 -36.29 19.86 -9.00
CA ARG A 222 -35.90 20.59 -7.81
C ARG A 222 -34.99 19.78 -6.93
N VAL A 223 -33.93 20.43 -6.45
CA VAL A 223 -33.02 19.86 -5.48
C VAL A 223 -33.04 20.84 -4.32
N ARG A 224 -33.42 20.33 -3.14
CA ARG A 224 -33.62 21.17 -1.97
C ARG A 224 -34.49 22.36 -2.37
N ASN A 225 -35.56 22.03 -3.09
CA ASN A 225 -36.57 22.97 -3.60
C ASN A 225 -36.06 24.03 -4.59
N ILE A 226 -34.91 23.78 -5.23
CA ILE A 226 -34.37 24.71 -6.20
C ILE A 226 -34.30 24.07 -7.59
N PRO A 227 -35.00 24.67 -8.56
CA PRO A 227 -34.95 24.19 -9.93
C PRO A 227 -33.84 24.82 -10.79
N SER A 228 -33.16 25.83 -10.27
CA SER A 228 -32.00 26.44 -10.94
C SER A 228 -30.76 25.56 -10.73
N ARG A 229 -29.67 25.91 -11.41
CA ARG A 229 -28.36 25.26 -11.18
C ARG A 229 -27.22 26.29 -11.24
N ILE A 230 -26.10 25.95 -10.61
CA ILE A 230 -24.83 26.63 -10.83
C ILE A 230 -23.85 25.59 -11.42
N SER A 231 -23.19 25.93 -12.52
CA SER A 231 -22.13 25.09 -13.09
C SER A 231 -20.76 25.72 -12.71
N ILE A 232 -19.88 24.89 -12.19
CA ILE A 232 -18.60 25.34 -11.64
C ILE A 232 -17.46 25.08 -12.62
N TYR A 233 -16.59 26.08 -12.75
CA TYR A 233 -15.44 26.01 -13.66
C TYR A 233 -14.20 26.47 -12.90
N TRP A 234 -13.02 26.16 -13.44
CA TRP A 234 -11.78 26.61 -12.80
C TRP A 234 -10.77 27.06 -13.82
N THR A 235 -9.86 27.91 -13.38
CA THR A 235 -8.85 28.52 -14.25
C THR A 235 -7.60 28.67 -13.39
N ILE A 236 -6.47 28.16 -13.90
CA ILE A 236 -5.19 28.35 -13.22
C ILE A 236 -4.44 29.48 -13.92
N VAL A 237 -3.95 30.44 -13.15
CA VAL A 237 -3.27 31.60 -13.69
C VAL A 237 -1.81 31.62 -13.22
N LYS A 238 -0.90 31.62 -14.19
CA LYS A 238 0.55 31.60 -13.96
C LYS A 238 1.08 33.00 -13.61
N PRO A 239 2.19 33.06 -12.83
CA PRO A 239 2.94 34.29 -12.64
C PRO A 239 3.15 35.03 -13.96
N GLY A 240 2.88 36.33 -13.95
CA GLY A 240 3.02 37.16 -15.16
C GLY A 240 1.83 37.08 -16.11
N ASP A 241 0.89 36.18 -15.83
CA ASP A 241 -0.36 36.15 -16.58
C ASP A 241 -1.43 36.93 -15.81
N ILE A 242 -2.62 37.02 -16.41
CA ILE A 242 -3.71 37.89 -15.97
C ILE A 242 -5.05 37.17 -16.16
N LEU A 243 -5.92 37.19 -15.16
CA LEU A 243 -7.29 36.70 -15.30
C LEU A 243 -8.13 37.85 -15.82
N LEU A 244 -8.93 37.58 -16.84
CA LEU A 244 -9.88 38.54 -17.36
C LEU A 244 -11.26 37.89 -17.39
N ILE A 245 -12.22 38.54 -16.73
CA ILE A 245 -13.59 38.09 -16.66
C ILE A 245 -14.50 39.08 -17.37
N ASN A 246 -15.30 38.55 -18.29
CA ASN A 246 -16.13 39.31 -19.23
C ASN A 246 -17.55 38.71 -19.15
N SER A 247 -18.52 39.48 -18.66
CA SER A 247 -19.89 38.97 -18.45
C SER A 247 -20.94 40.09 -18.42
N THR A 248 -22.18 39.74 -18.75
CA THR A 248 -23.34 40.65 -18.66
C THR A 248 -24.43 40.11 -17.72
N GLY A 249 -24.08 39.11 -16.92
CA GLY A 249 -25.01 38.47 -15.99
C GLY A 249 -24.67 37.02 -15.76
N ASN A 250 -25.34 36.42 -14.77
CA ASN A 250 -25.26 34.99 -14.48
C ASN A 250 -23.90 34.53 -13.93
N LEU A 251 -23.02 35.47 -13.64
CA LEU A 251 -21.69 35.19 -13.12
C LEU A 251 -21.69 34.93 -11.62
N ILE A 252 -21.24 33.75 -11.22
CA ILE A 252 -20.91 33.46 -9.83
C ILE A 252 -19.40 33.68 -9.71
N ALA A 253 -19.02 34.80 -9.13
CA ALA A 253 -17.65 35.30 -9.21
C ALA A 253 -16.73 34.75 -8.12
N PRO A 254 -15.42 34.64 -8.42
CA PRO A 254 -14.45 34.24 -7.38
C PRO A 254 -14.22 35.41 -6.42
N ARG A 255 -13.89 35.11 -5.17
CA ARG A 255 -13.53 36.15 -4.17
C ARG A 255 -12.01 36.22 -3.99
N GLY A 256 -11.28 35.42 -4.75
CA GLY A 256 -9.84 35.27 -4.58
C GLY A 256 -9.38 33.96 -5.20
N TYR A 257 -8.22 33.48 -4.77
CA TYR A 257 -7.62 32.28 -5.36
C TYR A 257 -7.19 31.28 -4.32
N PHE A 258 -7.15 30.03 -4.75
CA PHE A 258 -6.58 28.99 -3.93
C PHE A 258 -5.12 28.87 -4.32
N LYS A 259 -4.30 28.61 -3.31
CA LYS A 259 -2.94 28.22 -3.54
C LYS A 259 -3.03 26.84 -4.14
N ILE A 260 -2.16 26.58 -5.10
CA ILE A 260 -2.06 25.25 -5.65
C ILE A 260 -0.63 24.81 -5.40
N ARG A 261 -0.47 23.68 -4.71
CA ARG A 261 0.85 23.18 -4.35
C ARG A 261 1.07 21.88 -5.08
N SER A 262 2.30 21.41 -5.08
CA SER A 262 2.58 20.06 -5.53
C SER A 262 3.21 19.29 -4.40
N GLY A 263 2.82 18.03 -4.26
CA GLY A 263 3.38 17.19 -3.23
C GLY A 263 2.66 15.87 -3.24
N LYS A 264 2.66 15.23 -2.07
CA LYS A 264 2.30 13.84 -1.94
C LYS A 264 0.85 13.64 -1.44
N SER A 265 0.00 14.66 -1.55
CA SER A 265 -1.34 14.54 -0.97
C SER A 265 -2.31 13.75 -1.85
N SER A 266 -3.35 13.22 -1.24
CA SER A 266 -4.37 12.47 -2.00
C SER A 266 -5.72 12.52 -1.27
N ILE A 267 -6.66 11.75 -1.78
CA ILE A 267 -8.03 11.62 -1.27
C ILE A 267 -8.44 10.17 -1.32
N MET A 268 -9.23 9.73 -0.34
CA MET A 268 -9.68 8.37 -0.27
C MET A 268 -11.14 8.34 0.22
N ARG A 269 -11.95 7.48 -0.38
CA ARG A 269 -13.31 7.22 0.09
C ARG A 269 -13.25 6.11 1.10
N SER A 270 -13.71 6.37 2.33
CA SER A 270 -13.74 5.37 3.37
C SER A 270 -14.75 5.74 4.42
N ASP A 271 -15.37 4.73 5.00
CA ASP A 271 -16.13 4.93 6.24
C ASP A 271 -15.43 4.45 7.52
N ALA A 272 -14.13 4.15 7.44
CA ALA A 272 -13.41 3.66 8.61
C ALA A 272 -13.26 4.79 9.64
N PRO A 273 -13.49 4.51 10.94
CA PRO A 273 -13.28 5.58 11.91
C PRO A 273 -11.80 5.96 12.01
N ILE A 274 -11.52 7.17 12.43
CA ILE A 274 -10.13 7.61 12.56
C ILE A 274 -9.68 7.38 13.99
N GLY A 275 -8.57 6.66 14.16
CA GLY A 275 -8.07 6.33 15.49
C GLY A 275 -6.82 7.11 15.87
N LYS A 276 -6.57 7.18 17.18
CA LYS A 276 -5.33 7.76 17.70
C LYS A 276 -4.27 6.67 17.81
N CYS A 277 -3.50 6.50 16.74
CA CYS A 277 -2.57 5.37 16.61
C CYS A 277 -1.66 5.73 15.46
N ASN A 278 -0.65 4.91 15.20
CA ASN A 278 0.38 5.25 14.24
C ASN A 278 0.55 4.09 13.27
N SER A 279 0.30 4.32 11.98
CA SER A 279 0.48 3.28 10.96
C SER A 279 0.80 3.94 9.61
N GLU A 280 1.83 3.44 8.92
CA GLU A 280 2.26 4.04 7.65
C GLU A 280 1.32 3.82 6.45
N CYS A 281 0.62 2.67 6.45
CA CYS A 281 -0.21 2.26 5.30
C CYS A 281 -1.69 2.40 5.57
N ILE A 282 -2.34 3.22 4.76
CA ILE A 282 -3.77 3.43 4.88
C ILE A 282 -4.52 2.78 3.69
N THR A 283 -5.60 2.07 4.01
CA THR A 283 -6.54 1.58 3.00
C THR A 283 -7.94 1.99 3.42
N PRO A 284 -8.92 1.91 2.51
CA PRO A 284 -10.31 2.22 2.88
C PRO A 284 -10.87 1.40 4.02
N ASN A 285 -10.36 0.18 4.19
CA ASN A 285 -10.78 -0.71 5.27
C ASN A 285 -10.18 -0.33 6.61
N GLY A 286 -9.22 0.58 6.63
CA GLY A 286 -8.43 0.93 7.80
C GLY A 286 -6.94 0.78 7.51
N SER A 287 -6.13 1.19 8.48
CA SER A 287 -4.68 1.08 8.31
C SER A 287 -4.29 -0.37 8.43
N ILE A 288 -3.21 -0.74 7.79
CA ILE A 288 -2.71 -2.09 7.89
C ILE A 288 -1.24 -2.06 8.18
N PRO A 289 -0.76 -3.06 8.91
CA PRO A 289 0.66 -3.26 9.07
C PRO A 289 1.36 -3.39 7.72
N ASN A 290 2.58 -2.90 7.63
CA ASN A 290 3.35 -2.95 6.42
C ASN A 290 4.66 -3.76 6.52
N ASP A 291 4.67 -4.73 7.42
CA ASP A 291 5.81 -5.61 7.53
C ASP A 291 5.88 -6.57 6.30
N LYS A 292 4.73 -7.04 5.83
CA LYS A 292 4.71 -8.07 4.77
C LYS A 292 4.85 -7.39 3.40
N PRO A 293 5.37 -8.11 2.41
CA PRO A 293 5.59 -7.47 1.10
C PRO A 293 4.29 -7.32 0.27
N PHE A 294 3.29 -8.11 0.59
CA PHE A 294 2.04 -8.19 -0.17
C PHE A 294 0.84 -8.06 0.77
N GLN A 295 -0.30 -7.74 0.17
CA GLN A 295 -1.55 -7.61 0.93
C GLN A 295 -2.72 -7.88 0.02
N ASN A 296 -3.83 -8.38 0.60
CA ASN A 296 -5.04 -8.67 -0.10
CA ASN A 296 -5.05 -8.59 -0.16
C ASN A 296 -6.22 -7.91 0.53
N VAL A 297 -5.92 -6.86 1.27
CA VAL A 297 -6.96 -6.11 1.94
C VAL A 297 -7.65 -5.18 0.94
N ASN A 298 -6.91 -4.36 0.19
CA ASN A 298 -7.57 -3.40 -0.73
C ASN A 298 -6.59 -2.95 -1.79
N ARG A 299 -7.08 -2.87 -3.01
CA ARG A 299 -6.27 -2.27 -4.08
C ARG A 299 -6.03 -0.77 -3.92
N ILE A 300 -6.87 -0.11 -3.15
CA ILE A 300 -6.71 1.32 -2.85
C ILE A 300 -5.84 1.45 -1.63
N THR A 301 -4.68 2.09 -1.79
CA THR A 301 -3.76 2.32 -0.68
C THR A 301 -3.15 3.72 -0.71
N TYR A 302 -2.67 4.15 0.45
CA TYR A 302 -1.93 5.40 0.60
C TYR A 302 -0.80 5.19 1.59
N GLY A 303 0.42 5.59 1.20
CA GLY A 303 1.58 5.56 2.11
C GLY A 303 2.48 4.37 1.80
N ALA A 304 3.34 3.97 2.74
CA ALA A 304 4.24 2.82 2.55
C ALA A 304 3.49 1.54 2.77
N CYS A 305 3.07 0.92 1.67
CA CYS A 305 2.13 -0.19 1.74
C CYS A 305 2.64 -1.45 1.06
N PRO A 306 2.29 -2.62 1.60
CA PRO A 306 2.50 -3.83 0.80
C PRO A 306 1.79 -3.72 -0.56
N ARG A 307 2.25 -4.49 -1.55
CA ARG A 307 1.63 -4.49 -2.86
C ARG A 307 0.39 -5.39 -2.84
N TYR A 308 -0.67 -4.90 -3.43
CA TYR A 308 -1.90 -5.69 -3.59
C TYR A 308 -1.75 -6.88 -4.54
N VAL A 309 -2.14 -8.05 -4.05
CA VAL A 309 -2.15 -9.25 -4.85
C VAL A 309 -3.51 -9.96 -4.68
N LYS A 310 -3.78 -10.90 -5.56
CA LYS A 310 -5.07 -11.64 -5.48
C LYS A 310 -5.06 -12.76 -4.47
N GLN A 311 -3.89 -13.30 -4.17
CA GLN A 311 -3.76 -14.43 -3.25
C GLN A 311 -4.13 -13.98 -1.85
N ASN A 312 -4.79 -14.86 -1.10
CA ASN A 312 -5.07 -14.52 0.31
C ASN A 312 -4.01 -15.03 1.29
N THR A 313 -3.07 -15.86 0.80
CA THR A 313 -1.96 -16.38 1.57
C THR A 313 -0.82 -16.78 0.65
N LEU A 314 0.40 -16.44 1.05
CA LEU A 314 1.59 -16.98 0.45
C LEU A 314 2.59 -17.26 1.56
N LYS A 315 2.91 -18.53 1.77
CA LYS A 315 3.78 -18.92 2.86
CA LYS A 315 3.78 -18.90 2.86
C LYS A 315 5.23 -19.07 2.40
N LEU A 316 6.11 -18.34 3.04
CA LEU A 316 7.53 -18.43 2.79
C LEU A 316 8.15 -19.38 3.80
N ALA A 317 8.78 -20.45 3.34
CA ALA A 317 9.57 -21.34 4.20
C ALA A 317 10.66 -20.61 5.00
N THR A 318 10.69 -20.85 6.31
CA THR A 318 11.74 -20.37 7.17
C THR A 318 12.43 -21.52 7.92
N GLY A 319 12.32 -22.72 7.39
CA GLY A 319 13.04 -23.87 7.89
C GLY A 319 13.08 -24.95 6.84
N MET A 320 13.75 -26.06 7.18
CA MET A 320 13.99 -27.13 6.24
C MET A 320 12.78 -28.03 6.04
N ARG A 321 12.89 -28.94 5.09
CA ARG A 321 11.90 -29.99 4.93
C ARG A 321 11.70 -30.73 6.26
N ASN A 322 10.44 -30.99 6.59
CA ASN A 322 10.09 -31.64 7.85
C ASN A 322 9.86 -33.13 7.56
N VAL A 323 10.69 -34.00 8.13
CA VAL A 323 10.69 -35.42 7.76
C VAL A 323 10.43 -36.22 9.04
N PRO A 324 9.40 -37.09 9.03
CA PRO A 324 9.14 -37.95 10.22
C PRO A 324 10.36 -38.78 10.64
N GLU A 325 10.50 -39.00 11.94
CA GLU A 325 11.50 -39.95 12.43
C GLU A 325 11.00 -41.39 12.23
N LYS A 326 11.83 -42.24 11.62
CA LYS A 326 11.51 -43.64 11.45
C LYS A 326 11.38 -44.35 12.81
N GLN A 327 10.37 -45.21 12.92
CA GLN A 327 10.04 -45.93 14.16
C GLN A 327 10.59 -47.35 14.15
N ALA A 334 18.81 -49.20 16.98
CA ALA A 334 20.09 -48.68 16.53
C ALA A 334 19.85 -47.28 15.95
N ILE A 335 20.79 -46.39 16.21
CA ILE A 335 20.67 -45.01 15.75
C ILE A 335 20.70 -44.94 14.24
N ALA A 336 20.16 -43.87 13.67
CA ALA A 336 20.04 -43.73 12.22
C ALA A 336 20.20 -42.26 11.85
N GLY A 337 20.73 -42.02 10.64
CA GLY A 337 21.12 -40.70 10.19
C GLY A 337 20.04 -40.09 9.33
N PHE A 338 20.39 -39.04 8.61
CA PHE A 338 19.40 -38.22 7.88
C PHE A 338 18.71 -38.86 6.68
N ILE A 339 19.16 -40.03 6.21
CA ILE A 339 18.58 -40.57 4.98
C ILE A 339 17.11 -40.98 5.23
N GLU A 340 16.19 -40.23 4.61
CA GLU A 340 14.73 -40.38 4.85
C GLU A 340 14.32 -40.40 6.33
N ASN A 341 14.90 -39.52 7.13
CA ASN A 341 14.77 -39.60 8.57
C ASN A 341 15.13 -38.28 9.24
N GLY A 342 14.19 -37.70 9.97
CA GLY A 342 14.45 -36.52 10.78
C GLY A 342 14.51 -36.87 12.25
N TRP A 343 15.04 -35.97 13.06
CA TRP A 343 15.24 -36.21 14.49
C TRP A 343 14.39 -35.30 15.31
N GLU A 344 13.25 -35.80 15.78
CA GLU A 344 12.38 -34.94 16.57
C GLU A 344 13.00 -34.55 17.91
N GLY A 345 13.83 -35.42 18.47
CA GLY A 345 14.56 -35.11 19.71
C GLY A 345 15.70 -34.10 19.63
N MET A 346 16.01 -33.61 18.43
CA MET A 346 17.06 -32.60 18.25
C MET A 346 16.44 -31.20 18.41
N VAL A 347 16.59 -30.59 19.57
CA VAL A 347 15.91 -29.32 19.91
C VAL A 347 16.82 -28.11 20.15
N ASP A 348 18.13 -28.32 20.25
CA ASP A 348 19.07 -27.22 20.46
C ASP A 348 19.89 -26.92 19.21
N GLY A 349 19.50 -27.51 18.09
CA GLY A 349 20.18 -27.24 16.82
C GLY A 349 19.38 -27.76 15.64
N TRP A 350 19.75 -27.33 14.44
CA TRP A 350 19.09 -27.81 13.23
C TRP A 350 19.71 -29.03 12.64
N TYR A 351 21.03 -29.17 12.83
CA TYR A 351 21.81 -30.27 12.34
C TYR A 351 22.66 -30.78 13.50
N GLY A 352 23.01 -32.06 13.48
CA GLY A 352 23.89 -32.59 14.53
C GLY A 352 24.37 -34.00 14.31
N PHE A 353 24.88 -34.57 15.40
CA PHE A 353 25.54 -35.84 15.40
C PHE A 353 24.87 -36.70 16.45
N ARG A 354 24.69 -37.97 16.15
CA ARG A 354 24.37 -38.98 17.17
C ARG A 354 25.43 -40.07 17.09
N HIS A 355 25.79 -40.64 18.23
CA HIS A 355 26.85 -41.64 18.22
C HIS A 355 26.50 -42.76 19.12
N GLN A 356 27.10 -43.92 18.83
CA GLN A 356 27.11 -45.07 19.71
C GLN A 356 28.56 -45.52 19.87
N ASN A 357 29.02 -45.63 21.12
CA ASN A 357 30.37 -46.08 21.42
C ASN A 357 30.35 -46.85 22.72
N SER A 358 31.54 -47.14 23.25
CA SER A 358 31.76 -47.84 24.52
C SER A 358 31.01 -47.22 25.69
N GLU A 359 30.85 -45.91 25.66
CA GLU A 359 30.32 -45.11 26.76
C GLU A 359 28.81 -44.78 26.66
N GLY A 360 28.14 -45.21 25.59
CA GLY A 360 26.69 -45.05 25.43
C GLY A 360 26.30 -44.48 24.07
N ILE A 361 25.13 -43.83 24.04
CA ILE A 361 24.54 -43.23 22.84
C ILE A 361 24.27 -41.79 23.15
N GLY A 362 24.72 -40.88 22.29
CA GLY A 362 24.63 -39.47 22.58
C GLY A 362 24.21 -38.67 21.36
N GLN A 363 23.94 -37.40 21.61
CA GLN A 363 23.54 -36.43 20.61
C GLN A 363 24.19 -35.10 20.92
N ALA A 364 24.64 -34.39 19.88
CA ALA A 364 25.12 -33.02 19.99
C ALA A 364 24.76 -32.26 18.70
N ALA A 365 24.33 -31.01 18.88
CA ALA A 365 24.03 -30.12 17.78
C ALA A 365 25.32 -29.61 17.14
N ASP A 366 25.29 -29.35 15.83
CA ASP A 366 26.41 -28.73 15.14
C ASP A 366 26.06 -27.26 14.90
N LEU A 367 26.81 -26.37 15.54
CA LEU A 367 26.44 -24.96 15.61
C LEU A 367 26.69 -24.29 14.27
N LYS A 368 27.82 -24.59 13.64
CA LYS A 368 28.21 -23.94 12.40
C LYS A 368 27.15 -24.14 11.33
N SER A 369 26.75 -25.38 11.09
CA SER A 369 25.76 -25.69 10.07
C SER A 369 24.40 -25.08 10.39
N THR A 370 23.99 -25.15 11.65
CA THR A 370 22.75 -24.56 12.09
C THR A 370 22.72 -23.05 11.82
N GLN A 371 23.82 -22.38 12.15
CA GLN A 371 23.90 -20.94 12.05
C GLN A 371 23.98 -20.49 10.58
N ALA A 372 24.64 -21.27 9.75
CA ALA A 372 24.72 -20.98 8.32
C ALA A 372 23.32 -20.98 7.67
N ALA A 373 22.48 -21.94 8.05
CA ALA A 373 21.12 -22.02 7.51
C ALA A 373 20.26 -20.90 8.04
N ILE A 374 20.31 -20.68 9.35
CA ILE A 374 19.56 -19.61 9.97
C ILE A 374 19.92 -18.23 9.39
N ASN A 375 21.21 -17.97 9.19
CA ASN A 375 21.66 -16.68 8.65
C ASN A 375 21.12 -16.41 7.26
N GLN A 376 21.12 -17.44 6.41
CA GLN A 376 20.68 -17.29 5.05
C GLN A 376 19.19 -17.05 5.01
N ILE A 377 18.45 -17.73 5.91
CA ILE A 377 17.03 -17.56 5.96
C ILE A 377 16.72 -16.15 6.46
N ASN A 378 17.41 -15.71 7.48
CA ASN A 378 17.25 -14.34 7.97
C ASN A 378 17.61 -13.28 6.92
N GLY A 379 18.60 -13.60 6.09
CA GLY A 379 18.97 -12.77 4.95
C GLY A 379 17.79 -12.52 4.05
N LYS A 380 17.09 -13.58 3.66
CA LYS A 380 15.98 -13.39 2.75
C LYS A 380 14.76 -12.78 3.43
N LEU A 381 14.56 -13.05 4.71
CA LEU A 381 13.55 -12.33 5.47
C LEU A 381 13.79 -10.82 5.49
N ASN A 382 15.05 -10.42 5.66
CA ASN A 382 15.40 -9.01 5.69
C ASN A 382 15.13 -8.27 4.35
N ARG A 383 15.26 -8.97 3.23
CA ARG A 383 14.95 -8.39 1.92
C ARG A 383 13.45 -8.22 1.68
N LEU A 384 12.65 -9.07 2.32
CA LEU A 384 11.21 -9.11 2.07
C LEU A 384 10.34 -8.47 3.14
N ILE A 385 10.85 -8.38 4.38
CA ILE A 385 10.07 -7.91 5.52
C ILE A 385 10.47 -6.47 5.87
N GLY A 386 9.46 -5.62 6.03
CA GLY A 386 9.67 -4.21 6.34
C GLY A 386 10.34 -3.39 5.24
N LYS A 387 10.05 -3.71 3.97
CA LYS A 387 10.73 -3.05 2.86
C LYS A 387 9.77 -2.40 1.85
N THR A 388 8.57 -2.06 2.31
CA THR A 388 7.52 -1.58 1.43
C THR A 388 7.86 -0.19 0.93
N ASN A 389 7.29 0.14 -0.22
CA ASN A 389 7.55 1.45 -0.77
CA ASN A 389 7.54 1.41 -0.87
C ASN A 389 6.29 2.29 -0.84
N GLU A 390 6.49 3.61 -0.75
CA GLU A 390 5.42 4.57 -0.69
C GLU A 390 4.80 4.93 -2.04
N LYS A 391 3.48 4.91 -2.13
CA LYS A 391 2.73 5.57 -3.23
C LYS A 391 1.71 6.54 -2.63
N PHE A 392 1.38 7.57 -3.39
CA PHE A 392 0.57 8.66 -2.89
C PHE A 392 -0.66 8.82 -3.78
N HIS A 393 -0.81 9.91 -4.51
CA HIS A 393 -1.97 10.05 -5.39
C HIS A 393 -1.83 9.19 -6.63
N GLN A 394 -2.85 8.43 -6.93
CA GLN A 394 -2.79 7.42 -8.02
C GLN A 394 -3.97 7.64 -8.96
N ILE A 395 -4.76 6.60 -9.26
CA ILE A 395 -5.96 6.73 -10.07
C ILE A 395 -7.08 6.19 -9.18
N GLU A 396 -8.31 6.53 -9.52
CA GLU A 396 -9.46 5.94 -8.87
C GLU A 396 -9.64 4.50 -9.34
N LYS A 397 -10.17 3.67 -8.43
CA LYS A 397 -10.24 2.23 -8.63
C LYS A 397 -11.65 1.66 -8.35
N GLU A 398 -12.56 2.52 -7.92
CA GLU A 398 -13.98 2.19 -7.72
C GLU A 398 -14.79 3.33 -8.29
N PHE A 399 -15.93 3.03 -8.90
CA PHE A 399 -16.71 4.06 -9.60
C PHE A 399 -18.21 3.93 -9.27
N SER A 400 -18.83 5.04 -8.94
CA SER A 400 -20.29 5.07 -8.63
C SER A 400 -21.21 5.28 -9.87
N GLU A 401 -20.63 5.72 -10.98
CA GLU A 401 -21.39 5.92 -12.24
C GLU A 401 -20.75 5.19 -13.40
N VAL A 402 -21.60 4.84 -14.38
CA VAL A 402 -21.18 4.26 -15.66
C VAL A 402 -20.66 5.36 -16.58
N GLU A 403 -19.49 5.18 -17.20
CA GLU A 403 -18.91 6.25 -18.05
C GLU A 403 -18.36 5.79 -19.40
N GLY A 404 -18.06 4.51 -19.53
CA GLY A 404 -17.53 3.97 -20.78
C GLY A 404 -16.00 4.08 -20.86
N ARG A 405 -15.51 4.63 -21.98
CA ARG A 405 -14.13 4.48 -22.41
C ARG A 405 -13.04 4.78 -21.38
N ILE A 406 -13.09 5.94 -20.76
N ILE A 406 -13.10 5.94 -20.75
CA ILE A 406 -12.02 6.30 -19.83
CA ILE A 406 -12.05 6.32 -19.81
C ILE A 406 -12.04 5.38 -18.60
C ILE A 406 -12.05 5.37 -18.61
N GLN A 407 -13.24 5.02 -18.14
CA GLN A 407 -13.35 4.14 -17.00
C GLN A 407 -12.89 2.73 -17.34
N ASP A 408 -13.22 2.27 -18.55
CA ASP A 408 -12.76 0.99 -19.03
C ASP A 408 -11.21 0.94 -18.98
N LEU A 409 -10.57 2.03 -19.38
CA LEU A 409 -9.09 2.08 -19.39
C LEU A 409 -8.55 2.08 -17.96
N GLU A 410 -9.11 2.92 -17.09
CA GLU A 410 -8.72 2.94 -15.67
C GLU A 410 -8.81 1.57 -15.02
N LYS A 411 -9.92 0.87 -15.26
CA LYS A 411 -10.06 -0.49 -14.74
C LYS A 411 -9.08 -1.49 -15.31
N TYR A 412 -8.82 -1.42 -16.60
CA TYR A 412 -7.97 -2.39 -17.28
C TYR A 412 -6.52 -2.16 -16.81
N VAL A 413 -6.15 -0.91 -16.60
CA VAL A 413 -4.79 -0.59 -16.13
C VAL A 413 -4.58 -1.25 -14.78
N GLU A 414 -5.56 -1.16 -13.90
CA GLU A 414 -5.40 -1.67 -12.53
C GLU A 414 -5.46 -3.18 -12.52
N ASP A 415 -6.42 -3.78 -13.25
CA ASP A 415 -6.45 -5.25 -13.44
C ASP A 415 -5.13 -5.82 -13.91
N THR A 416 -4.56 -5.18 -14.95
CA THR A 416 -3.32 -5.58 -15.54
C THR A 416 -2.19 -5.59 -14.50
N LYS A 417 -2.10 -4.50 -13.76
CA LYS A 417 -1.09 -4.31 -12.72
C LYS A 417 -1.21 -5.40 -11.67
N ILE A 418 -2.44 -5.66 -11.22
CA ILE A 418 -2.65 -6.62 -10.14
C ILE A 418 -2.28 -8.02 -10.59
N ASP A 419 -2.62 -8.37 -11.83
CA ASP A 419 -2.32 -9.70 -12.27
C ASP A 419 -0.82 -9.87 -12.39
N LEU A 420 -0.11 -8.83 -12.85
CA LEU A 420 1.33 -8.95 -12.99
C LEU A 420 2.04 -9.09 -11.61
N TRP A 421 1.63 -8.28 -10.65
CA TRP A 421 2.14 -8.45 -9.27
C TRP A 421 1.78 -9.75 -8.61
N SER A 422 0.56 -10.25 -8.84
CA SER A 422 0.18 -11.53 -8.29
C SER A 422 1.03 -12.66 -8.83
N TYR A 423 1.34 -12.60 -10.14
CA TYR A 423 2.25 -13.55 -10.78
C TYR A 423 3.66 -13.42 -10.15
N ASN A 424 4.14 -12.18 -10.00
CA ASN A 424 5.47 -11.98 -9.42
C ASN A 424 5.55 -12.58 -8.01
N ALA A 425 4.51 -12.38 -7.23
CA ALA A 425 4.47 -12.88 -5.85
C ALA A 425 4.49 -14.39 -5.85
N GLU A 426 3.65 -15.00 -6.70
CA GLU A 426 3.58 -16.43 -6.80
C GLU A 426 4.94 -17.06 -7.17
N LEU A 427 5.56 -16.56 -8.22
CA LEU A 427 6.90 -17.01 -8.64
C LEU A 427 7.97 -16.79 -7.56
N LEU A 428 7.99 -15.62 -6.94
CA LEU A 428 9.01 -15.27 -5.95
C LEU A 428 9.00 -16.24 -4.77
N VAL A 429 7.81 -16.53 -4.30
CA VAL A 429 7.69 -17.38 -3.15
C VAL A 429 8.06 -18.84 -3.50
N ALA A 430 7.67 -19.31 -4.69
CA ALA A 430 8.03 -20.64 -5.13
C ALA A 430 9.59 -20.76 -5.28
N LEU A 431 10.18 -19.76 -5.93
CA LEU A 431 11.64 -19.69 -6.08
C LEU A 431 12.41 -19.62 -4.76
N GLU A 432 12.01 -18.71 -3.87
CA GLU A 432 12.60 -18.59 -2.55
C GLU A 432 12.48 -19.90 -1.77
N ASN A 433 11.30 -20.53 -1.81
CA ASN A 433 11.08 -21.76 -1.08
C ASN A 433 11.92 -22.92 -1.61
N GLN A 434 12.07 -23.01 -2.94
CA GLN A 434 12.94 -23.96 -3.55
C GLN A 434 14.39 -23.72 -3.09
N HIS A 435 14.77 -22.46 -3.01
CA HIS A 435 16.14 -22.12 -2.61
C HIS A 435 16.42 -22.46 -1.14
N THR A 436 15.44 -22.21 -0.29
CA THR A 436 15.48 -22.60 1.14
C THR A 436 15.58 -24.12 1.33
N ILE A 437 14.75 -24.91 0.62
CA ILE A 437 14.88 -26.36 0.68
C ILE A 437 16.31 -26.77 0.23
N ASP A 438 16.77 -26.19 -0.88
CA ASP A 438 18.15 -26.44 -1.38
C ASP A 438 19.29 -26.04 -0.43
N LEU A 439 19.24 -24.87 0.17
CA LEU A 439 20.28 -24.42 1.07
C LEU A 439 20.27 -25.26 2.40
N THR A 440 19.11 -25.68 2.86
CA THR A 440 19.05 -26.47 4.10
C THR A 440 19.46 -27.91 3.86
N ASP A 441 19.06 -28.45 2.72
CA ASP A 441 19.53 -29.75 2.30
C ASP A 441 21.08 -29.71 2.13
N SER A 442 21.56 -28.62 1.52
CA SER A 442 23.00 -28.46 1.29
C SER A 442 23.81 -28.45 2.59
N GLU A 443 23.36 -27.74 3.63
CA GLU A 443 24.08 -27.73 4.91
C GLU A 443 24.20 -29.14 5.48
N MET A 444 23.16 -29.98 5.35
CA MET A 444 23.20 -31.37 5.82
C MET A 444 24.24 -32.16 5.02
N ASN A 445 24.20 -32.02 3.71
CA ASN A 445 25.13 -32.74 2.83
C ASN A 445 26.58 -32.30 3.07
N LYS A 446 26.80 -31.02 3.31
CA LYS A 446 28.16 -30.50 3.57
C LYS A 446 28.71 -31.06 4.90
N LEU A 447 27.86 -31.19 5.91
CA LEU A 447 28.28 -31.68 7.20
C LEU A 447 28.67 -33.15 7.08
N PHE A 448 27.88 -33.92 6.36
CA PHE A 448 28.20 -35.30 6.11
C PHE A 448 29.54 -35.40 5.40
N GLU A 449 29.73 -34.59 4.36
CA GLU A 449 30.95 -34.71 3.57
C GLU A 449 32.18 -34.34 4.34
N ARG A 450 32.12 -33.29 5.14
CA ARG A 450 33.27 -32.89 5.96
C ARG A 450 33.65 -34.00 6.96
N THR A 451 32.66 -34.64 7.54
CA THR A 451 32.89 -35.73 8.49
C THR A 451 33.54 -36.90 7.77
N LYS A 452 33.00 -37.25 6.60
CA LYS A 452 33.55 -38.29 5.77
C LYS A 452 35.03 -38.04 5.48
N LYS A 453 35.36 -36.78 5.19
CA LYS A 453 36.74 -36.42 4.87
C LYS A 453 37.68 -36.58 6.07
N GLN A 454 37.21 -36.20 7.27
CA GLN A 454 38.02 -36.33 8.47
C GLN A 454 38.38 -37.78 8.73
N LEU A 455 37.40 -38.67 8.56
CA LEU A 455 37.55 -40.08 8.92
C LEU A 455 38.49 -40.85 8.03
N ARG A 456 38.68 -40.39 6.79
CA ARG A 456 39.63 -41.01 5.86
C ARG A 456 39.34 -42.51 5.71
N GLU A 457 40.32 -43.35 5.99
CA GLU A 457 40.17 -44.79 5.82
C GLU A 457 39.72 -45.47 7.12
N ASN A 458 39.32 -44.69 8.12
CA ASN A 458 38.99 -45.26 9.44
C ASN A 458 37.52 -45.59 9.62
N ALA A 459 36.72 -45.26 8.61
CA ALA A 459 35.28 -45.47 8.66
C ALA A 459 34.72 -45.84 7.32
N GLU A 460 33.56 -46.48 7.33
CA GLU A 460 32.79 -46.73 6.12
C GLU A 460 31.39 -46.13 6.23
N ASP A 461 30.90 -45.65 5.10
CA ASP A 461 29.56 -45.11 4.98
C ASP A 461 28.50 -46.25 4.98
N MET A 462 27.62 -46.28 5.98
CA MET A 462 26.60 -47.35 6.10
C MET A 462 25.34 -47.10 5.26
N GLY A 463 25.29 -45.97 4.55
CA GLY A 463 24.19 -45.72 3.62
C GLY A 463 22.97 -45.06 4.18
N ASN A 464 22.96 -44.77 5.47
CA ASN A 464 21.78 -44.24 6.16
C ASN A 464 22.08 -42.91 6.84
N GLY A 465 23.14 -42.24 6.40
CA GLY A 465 23.61 -41.02 7.06
C GLY A 465 24.55 -41.27 8.22
N CYS A 466 25.01 -42.50 8.39
CA CYS A 466 25.92 -42.88 9.45
C CYS A 466 27.22 -43.48 8.94
N PHE A 467 28.27 -43.30 9.74
CA PHE A 467 29.55 -43.97 9.56
C PHE A 467 29.74 -45.08 10.60
N LYS A 468 30.25 -46.21 10.14
CA LYS A 468 30.82 -47.23 10.99
C LYS A 468 32.31 -46.91 11.13
N ILE A 469 32.71 -46.53 12.34
CA ILE A 469 34.09 -46.20 12.64
C ILE A 469 34.74 -47.48 13.19
N TYR A 470 35.82 -47.92 12.55
CA TYR A 470 36.37 -49.24 12.81
C TYR A 470 37.45 -49.25 13.88
N HIS A 471 37.27 -48.42 14.90
CA HIS A 471 38.17 -48.39 16.04
C HIS A 471 37.42 -47.93 17.25
N LYS A 472 37.97 -48.20 18.43
CA LYS A 472 37.35 -47.74 19.66
C LYS A 472 37.37 -46.22 19.61
N CYS A 473 36.22 -45.59 19.81
CA CYS A 473 36.13 -44.12 19.69
C CYS A 473 35.27 -43.64 20.84
N ASP A 474 35.93 -43.31 21.95
CA ASP A 474 35.26 -42.89 23.17
C ASP A 474 34.70 -41.47 23.09
N ASN A 475 34.14 -40.96 24.17
CA ASN A 475 33.45 -39.68 24.08
C ASN A 475 34.36 -38.57 23.59
N ALA A 476 35.60 -38.56 24.04
CA ALA A 476 36.58 -37.54 23.63
C ALA A 476 36.92 -37.67 22.14
N CYS A 477 37.07 -38.89 21.66
CA CYS A 477 37.30 -39.16 20.25
C CYS A 477 36.14 -38.63 19.39
N ILE A 478 34.91 -38.97 19.76
CA ILE A 478 33.76 -38.46 19.05
C ILE A 478 33.73 -36.93 19.06
N GLY A 479 34.00 -36.33 20.22
CA GLY A 479 34.12 -34.86 20.33
C GLY A 479 35.15 -34.30 19.36
N SER A 480 36.28 -35.00 19.20
CA SER A 480 37.34 -34.55 18.30
C SER A 480 36.84 -34.47 16.83
N ILE A 481 36.01 -35.43 16.46
CA ILE A 481 35.41 -35.46 15.12
C ILE A 481 34.47 -34.29 14.98
N ARG A 482 33.61 -34.12 15.97
CA ARG A 482 32.66 -33.02 15.98
C ARG A 482 33.32 -31.62 15.98
N ASN A 483 34.43 -31.43 16.71
CA ASN A 483 35.12 -30.13 16.68
C ASN A 483 36.13 -30.02 15.56
N GLY A 484 36.27 -31.05 14.74
CA GLY A 484 37.15 -30.98 13.58
C GLY A 484 38.62 -31.11 13.91
N THR A 485 38.95 -31.76 15.03
CA THR A 485 40.36 -31.95 15.42
C THR A 485 40.79 -33.44 15.44
N TYR A 486 39.94 -34.32 14.95
CA TYR A 486 40.26 -35.76 14.87
C TYR A 486 41.46 -36.01 13.97
N ASP A 487 42.45 -36.71 14.49
CA ASP A 487 43.64 -37.05 13.72
C ASP A 487 43.55 -38.51 13.29
N HIS A 488 43.25 -38.73 12.01
CA HIS A 488 43.00 -40.09 11.50
C HIS A 488 44.23 -40.98 11.60
N ASP A 489 45.43 -40.39 11.61
CA ASP A 489 46.65 -41.19 11.64
C ASP A 489 46.80 -41.95 12.96
N VAL A 490 46.31 -41.37 14.04
CA VAL A 490 46.39 -42.02 15.36
C VAL A 490 45.70 -43.39 15.36
N TYR A 491 44.62 -43.51 14.60
CA TYR A 491 43.74 -44.70 14.65
C TYR A 491 43.83 -45.59 13.44
N ARG A 492 44.54 -45.17 12.40
CA ARG A 492 44.54 -45.86 11.11
C ARG A 492 44.95 -47.33 11.19
N ASP A 493 46.03 -47.62 11.89
CA ASP A 493 46.49 -49.00 12.05
C ASP A 493 45.38 -49.88 12.62
N GLU A 494 44.81 -49.47 13.74
CA GLU A 494 43.70 -50.20 14.37
C GLU A 494 42.56 -50.35 13.37
N ALA A 495 42.20 -49.24 12.74
CA ALA A 495 41.04 -49.24 11.87
C ALA A 495 41.21 -50.14 10.65
N LEU A 496 42.37 -50.06 9.99
CA LEU A 496 42.64 -50.89 8.82
C LEU A 496 42.64 -52.37 9.12
N ASN A 497 43.19 -52.74 10.28
CA ASN A 497 43.15 -54.12 10.74
CA ASN A 497 43.15 -54.13 10.69
C ASN A 497 41.72 -54.62 10.92
N ASN A 498 40.88 -53.79 11.54
CA ASN A 498 39.47 -54.15 11.73
C ASN A 498 38.69 -54.20 10.40
N ARG A 499 38.93 -53.23 9.54
CA ARG A 499 38.24 -53.19 8.23
C ARG A 499 38.57 -54.34 7.31
N PHE A 500 39.85 -54.60 7.13
CA PHE A 500 40.30 -55.55 6.11
C PHE A 500 40.78 -56.87 6.72
N GLN A 501 40.18 -57.25 7.85
CA GLN A 501 40.33 -58.58 8.42
C GLN A 501 39.53 -59.58 7.58
N ILE A 502 39.95 -60.85 7.60
CA ILE A 502 39.18 -61.95 7.01
C ILE A 502 38.28 -62.48 8.12
N LYS A 503 36.96 -62.40 7.93
CA LYS A 503 36.00 -62.90 8.91
C LYS A 503 35.62 -64.34 8.60
#